data_6Y2C
#
_entry.id   6Y2C
#
_cell.length_a   47.409
_cell.length_b   47.409
_cell.length_c   147.893
_cell.angle_alpha   90.000
_cell.angle_beta   90.000
_cell.angle_gamma   120.000
#
_symmetry.space_group_name_H-M   'P 32 2 1'
#
loop_
_entity.id
_entity.type
_entity.pdbx_description
1 polymer 'Far upstream element-binding protein 1'
2 non-polymer 1,2-ETHANEDIOL
3 non-polymer 'ZINC ION'
4 water water
#
_entity_poly.entity_id   1
_entity_poly.type   'polypeptide(L)'
_entity_poly.pdbx_seq_one_letter_code
;SMFREVRNEYGSRIGGNEGIDVPIPRFAVGIVIGRNGEMIKKIQNDAGVRIQFKPDDGTTPERIAQITGPPDRCQHAAEI
ITDLLRSVQAGNP
;
_entity_poly.pdbx_strand_id   A,B
#
loop_
_chem_comp.id
_chem_comp.type
_chem_comp.name
_chem_comp.formula
EDO non-polymer 1,2-ETHANEDIOL 'C2 H6 O2'
ZN non-polymer 'ZINC ION' 'Zn 2'
#
# COMPACT_ATOMS: atom_id res chain seq x y z
N GLY A 19 1.29 -21.70 -14.56
CA GLY A 19 0.67 -20.63 -13.73
C GLY A 19 0.19 -19.44 -14.56
N ILE A 20 0.17 -18.24 -13.95
CA ILE A 20 -0.35 -16.99 -14.59
C ILE A 20 0.50 -15.80 -14.14
N ASP A 21 0.53 -14.76 -14.97
CA ASP A 21 1.29 -13.50 -14.75
C ASP A 21 0.31 -12.39 -14.37
N VAL A 22 0.47 -11.77 -13.20
CA VAL A 22 -0.39 -10.65 -12.73
C VAL A 22 0.44 -9.37 -12.73
N PRO A 23 0.00 -8.32 -13.43
CA PRO A 23 0.71 -7.05 -13.40
C PRO A 23 0.36 -6.29 -12.12
N ILE A 24 1.37 -5.73 -11.46
CA ILE A 24 1.20 -4.97 -10.20
C ILE A 24 1.80 -3.59 -10.42
N PRO A 25 1.05 -2.50 -10.17
CA PRO A 25 1.61 -1.16 -10.23
C PRO A 25 2.82 -1.06 -9.30
N ARG A 26 3.88 -0.42 -9.75
CA ARG A 26 5.16 -0.39 -9.02
C ARG A 26 4.99 0.13 -7.58
N PHE A 27 4.23 1.21 -7.37
CA PHE A 27 4.07 1.86 -6.04
C PHE A 27 3.34 0.91 -5.06
N ALA A 28 2.69 -0.16 -5.55
CA ALA A 28 1.86 -1.10 -4.71
C ALA A 28 2.58 -2.43 -4.44
N VAL A 29 3.73 -2.66 -5.07
CA VAL A 29 4.50 -3.94 -4.92
C VAL A 29 4.78 -4.21 -3.44
N GLY A 30 5.11 -3.17 -2.68
CA GLY A 30 5.40 -3.28 -1.25
C GLY A 30 4.33 -3.98 -0.47
N ILE A 31 3.04 -3.71 -0.74
CA ILE A 31 1.96 -4.24 0.14
C ILE A 31 1.57 -5.62 -0.34
N VAL A 32 1.91 -5.98 -1.58
CA VAL A 32 1.73 -7.36 -2.08
C VAL A 32 2.79 -8.27 -1.43
N ILE A 33 4.03 -7.79 -1.34
CA ILE A 33 5.14 -8.59 -0.76
C ILE A 33 4.98 -8.57 0.74
N GLY A 34 4.80 -7.39 1.31
CA GLY A 34 4.63 -7.16 2.75
C GLY A 34 5.97 -7.11 3.46
N ARG A 35 5.94 -6.84 4.74
CA ARG A 35 7.12 -6.73 5.62
C ARG A 35 7.87 -8.09 5.60
N ASN A 36 9.12 -8.09 5.11
CA ASN A 36 9.98 -9.29 5.05
C ASN A 36 9.24 -10.40 4.29
N GLY A 37 8.43 -10.06 3.30
CA GLY A 37 7.69 -11.00 2.45
C GLY A 37 6.52 -11.68 3.15
N GLU A 38 6.07 -11.18 4.31
CA GLU A 38 4.92 -11.78 5.08
C GLU A 38 3.67 -11.91 4.17
N MET A 39 3.36 -10.90 3.35
CA MET A 39 2.05 -10.92 2.66
C MET A 39 2.14 -11.95 1.52
N ILE A 40 3.23 -12.01 0.81
CA ILE A 40 3.40 -12.97 -0.33
C ILE A 40 3.43 -14.39 0.27
N LYS A 41 3.95 -14.54 1.49
CA LYS A 41 3.92 -15.83 2.21
C LYS A 41 2.45 -16.19 2.54
N LYS A 42 1.68 -15.27 3.08
CA LYS A 42 0.26 -15.53 3.41
C LYS A 42 -0.53 -15.86 2.15
N ILE A 43 -0.32 -15.17 1.04
CA ILE A 43 -1.03 -15.47 -0.23
C ILE A 43 -0.64 -16.86 -0.72
N GLN A 44 0.64 -17.18 -0.69
CA GLN A 44 1.15 -18.51 -1.10
C GLN A 44 0.45 -19.53 -0.21
N ASN A 45 0.48 -19.31 1.10
CA ASN A 45 0.00 -20.27 2.14
C ASN A 45 -1.50 -20.47 1.98
N ASP A 46 -2.27 -19.38 1.78
CA ASP A 46 -3.75 -19.49 1.74
C ASP A 46 -4.19 -20.15 0.41
N ALA A 47 -3.65 -19.68 -0.72
CA ALA A 47 -4.00 -20.18 -2.06
C ALA A 47 -3.28 -21.51 -2.36
N GLY A 48 -2.16 -21.79 -1.71
CA GLY A 48 -1.29 -22.94 -2.05
C GLY A 48 -0.60 -22.81 -3.41
N VAL A 49 0.16 -21.72 -3.62
CA VAL A 49 0.87 -21.38 -4.89
C VAL A 49 2.28 -20.86 -4.56
N ARG A 50 3.11 -20.75 -5.58
CA ARG A 50 4.40 -20.05 -5.54
C ARG A 50 4.25 -18.73 -6.28
N ILE A 51 4.71 -17.63 -5.69
CA ILE A 51 4.69 -16.31 -6.37
C ILE A 51 6.14 -15.75 -6.43
N GLN A 52 6.60 -15.41 -7.62
CA GLN A 52 7.88 -14.70 -7.85
C GLN A 52 7.64 -13.50 -8.77
N PHE A 53 8.31 -12.41 -8.53
CA PHE A 53 8.35 -11.25 -9.47
C PHE A 53 9.34 -11.53 -10.58
N LYS A 54 8.91 -11.33 -11.81
CA LYS A 54 9.80 -11.38 -12.97
C LYS A 54 10.85 -10.31 -12.79
N PRO A 55 12.14 -10.58 -13.09
CA PRO A 55 13.09 -9.49 -13.22
C PRO A 55 12.58 -8.42 -14.21
N ASP A 56 12.83 -7.15 -13.95
CA ASP A 56 12.64 -6.08 -14.96
C ASP A 56 13.79 -5.08 -14.82
N ASP A 57 13.84 -4.08 -15.66
CA ASP A 57 14.98 -3.13 -15.67
C ASP A 57 14.79 -2.07 -14.58
N GLY A 58 13.70 -2.08 -13.85
CA GLY A 58 13.44 -1.12 -12.76
C GLY A 58 12.63 0.08 -13.24
N THR A 59 12.53 0.30 -14.56
CA THR A 59 11.94 1.53 -15.16
C THR A 59 10.41 1.37 -15.29
N THR A 60 9.90 0.14 -15.38
CA THR A 60 8.56 -0.16 -15.93
C THR A 60 7.50 0.25 -14.92
N PRO A 61 6.35 0.80 -15.37
CA PRO A 61 5.32 1.26 -14.44
C PRO A 61 4.66 0.11 -13.66
N GLU A 62 4.71 -1.11 -14.18
CA GLU A 62 4.19 -2.33 -13.49
C GLU A 62 5.31 -3.33 -13.28
N ARG A 63 5.22 -4.12 -12.22
CA ARG A 63 5.97 -5.38 -12.03
C ARG A 63 5.06 -6.58 -12.28
N ILE A 64 5.61 -7.69 -12.73
CA ILE A 64 4.85 -8.93 -13.04
C ILE A 64 5.10 -9.93 -11.93
N ALA A 65 4.06 -10.29 -11.19
CA ALA A 65 4.04 -11.43 -10.24
C ALA A 65 3.68 -12.73 -10.99
N GLN A 66 4.63 -13.64 -11.09
CA GLN A 66 4.42 -14.97 -11.71
C GLN A 66 3.87 -15.91 -10.64
N ILE A 67 2.64 -16.38 -10.82
CA ILE A 67 1.95 -17.33 -9.92
C ILE A 67 2.01 -18.74 -10.52
N THR A 68 2.60 -19.68 -9.79
CA THR A 68 2.76 -21.10 -10.22
C THR A 68 1.82 -21.96 -9.43
N GLY A 69 1.10 -22.79 -10.12
CA GLY A 69 0.29 -23.84 -9.50
C GLY A 69 -0.80 -24.27 -10.45
N PRO A 70 -1.82 -24.97 -9.94
CA PRO A 70 -2.94 -25.40 -10.78
C PRO A 70 -3.86 -24.21 -11.01
N PRO A 71 -4.68 -24.24 -12.08
CA PRO A 71 -5.42 -23.04 -12.50
C PRO A 71 -6.31 -22.45 -11.39
N ASP A 72 -7.00 -23.28 -10.63
CA ASP A 72 -7.96 -22.81 -9.59
C ASP A 72 -7.20 -22.01 -8.50
N ARG A 73 -6.14 -22.58 -7.96
CA ARG A 73 -5.31 -21.94 -6.91
C ARG A 73 -4.75 -20.60 -7.45
N CYS A 74 -4.27 -20.58 -8.69
CA CYS A 74 -3.64 -19.40 -9.33
C CYS A 74 -4.70 -18.28 -9.44
N GLN A 75 -5.92 -18.64 -9.78
CA GLN A 75 -7.07 -17.71 -9.91
C GLN A 75 -7.39 -17.15 -8.54
N HIS A 76 -7.46 -17.99 -7.50
CA HIS A 76 -7.69 -17.54 -6.08
C HIS A 76 -6.58 -16.55 -5.67
N ALA A 77 -5.31 -16.85 -5.93
CA ALA A 77 -4.17 -15.95 -5.61
C ALA A 77 -4.30 -14.65 -6.38
N ALA A 78 -4.66 -14.70 -7.68
CA ALA A 78 -4.86 -13.49 -8.51
C ALA A 78 -5.98 -12.66 -7.89
N GLU A 79 -7.05 -13.31 -7.40
CA GLU A 79 -8.22 -12.59 -6.82
C GLU A 79 -7.78 -11.92 -5.51
N ILE A 80 -7.01 -12.60 -4.69
CA ILE A 80 -6.52 -12.03 -3.41
C ILE A 80 -5.67 -10.80 -3.73
N ILE A 81 -4.76 -10.92 -4.68
CA ILE A 81 -3.87 -9.78 -5.05
C ILE A 81 -4.75 -8.63 -5.58
N THR A 82 -5.70 -8.92 -6.47
CA THR A 82 -6.66 -7.92 -6.99
C THR A 82 -7.36 -7.20 -5.83
N ASP A 83 -7.87 -7.96 -4.87
CA ASP A 83 -8.68 -7.36 -3.77
C ASP A 83 -7.82 -6.45 -2.94
N LEU A 84 -6.56 -6.84 -2.66
CA LEU A 84 -5.59 -5.98 -1.97
C LEU A 84 -5.47 -4.66 -2.74
N LEU A 85 -5.17 -4.75 -4.02
CA LEU A 85 -4.94 -3.55 -4.86
C LEU A 85 -6.18 -2.67 -4.85
N ARG A 86 -7.36 -3.26 -5.01
CA ARG A 86 -8.59 -2.46 -5.13
C ARG A 86 -8.87 -1.77 -3.79
N SER A 87 -8.52 -2.39 -2.68
CA SER A 87 -8.81 -1.88 -1.33
C SER A 87 -7.97 -0.60 -1.05
N VAL A 88 -6.95 -0.32 -1.87
CA VAL A 88 -6.08 0.88 -1.73
C VAL A 88 -6.11 1.68 -3.06
N GLN A 89 -7.07 1.43 -3.95
CA GLN A 89 -7.22 2.05 -5.30
C GLN A 89 -5.88 2.06 -6.08
N ALA A 90 -5.28 0.90 -6.29
CA ALA A 90 -4.11 0.78 -7.19
C ALA A 90 -4.56 0.38 -8.60
N SER B 1 -15.06 12.88 6.71
CA SER B 1 -15.45 11.64 6.06
C SER B 1 -14.54 10.51 6.50
N MET B 2 -15.06 9.32 6.57
CA MET B 2 -14.28 8.15 6.96
C MET B 2 -13.45 7.70 5.75
N PHE B 3 -12.41 6.90 5.98
CA PHE B 3 -11.49 6.40 4.91
C PHE B 3 -12.28 5.77 3.74
N ARG B 4 -13.31 5.01 4.06
CA ARG B 4 -14.09 4.30 3.04
C ARG B 4 -14.70 5.30 2.03
N GLU B 5 -15.21 6.43 2.49
CA GLU B 5 -15.77 7.47 1.62
C GLU B 5 -14.63 8.20 0.87
N VAL B 6 -13.53 8.46 1.54
CA VAL B 6 -12.35 9.09 0.92
C VAL B 6 -11.84 8.21 -0.23
N ARG B 7 -11.69 6.92 0.01
CA ARG B 7 -11.31 5.94 -1.03
C ARG B 7 -12.33 5.97 -2.20
N ASN B 8 -13.62 5.97 -1.92
CA ASN B 8 -14.69 5.76 -2.93
C ASN B 8 -14.98 7.09 -3.68
N GLU B 9 -14.55 8.24 -3.17
CA GLU B 9 -14.57 9.54 -3.91
C GLU B 9 -13.44 9.51 -4.95
N GLU B 18 1.73 23.15 15.11
CA GLU B 18 1.82 23.29 13.63
C GLU B 18 1.50 21.92 12.97
N GLY B 19 1.55 20.80 13.71
CA GLY B 19 1.20 19.46 13.17
C GLY B 19 1.87 18.29 13.90
N ILE B 20 1.90 17.12 13.29
CA ILE B 20 2.44 15.88 13.95
C ILE B 20 3.24 15.08 12.92
N ASP B 21 4.12 14.22 13.43
CA ASP B 21 4.88 13.23 12.64
C ASP B 21 4.26 11.85 12.86
N VAL B 22 3.87 11.17 11.80
CA VAL B 22 3.28 9.82 11.93
C VAL B 22 4.21 8.83 11.19
N PRO B 23 4.56 7.71 11.84
CA PRO B 23 5.34 6.68 11.19
C PRO B 23 4.46 5.86 10.23
N ILE B 24 4.97 5.62 9.03
CA ILE B 24 4.33 4.77 8.02
C ILE B 24 5.33 3.68 7.63
N PRO B 25 4.94 2.39 7.73
CA PRO B 25 5.80 1.29 7.28
C PRO B 25 6.28 1.56 5.87
N ARG B 26 7.57 1.38 5.63
CA ARG B 26 8.22 1.87 4.40
C ARG B 26 7.58 1.19 3.18
N PHE B 27 7.24 -0.09 3.28
CA PHE B 27 6.70 -0.88 2.14
C PHE B 27 5.30 -0.39 1.75
N ALA B 28 4.67 0.46 2.57
CA ALA B 28 3.27 0.96 2.35
C ALA B 28 3.27 2.41 1.83
N VAL B 29 4.41 3.09 1.79
CA VAL B 29 4.49 4.52 1.39
C VAL B 29 3.90 4.70 0.01
N GLY B 30 4.19 3.78 -0.92
CA GLY B 30 3.70 3.87 -2.31
C GLY B 30 2.17 3.99 -2.36
N ILE B 31 1.45 3.31 -1.47
CA ILE B 31 -0.04 3.25 -1.56
C ILE B 31 -0.64 4.37 -0.72
N VAL B 32 0.12 4.97 0.19
CA VAL B 32 -0.30 6.21 0.88
C VAL B 32 -0.25 7.37 -0.08
N ILE B 33 0.78 7.42 -0.93
CA ILE B 33 0.91 8.44 -2.00
C ILE B 33 -0.12 8.11 -3.07
N GLY B 34 -0.11 6.86 -3.56
CA GLY B 34 -1.07 6.34 -4.55
C GLY B 34 -0.68 6.73 -5.95
N ARG B 35 -1.46 6.32 -6.95
CA ARG B 35 -1.19 6.61 -8.37
C ARG B 35 -1.18 8.14 -8.59
N ASN B 36 -0.04 8.67 -9.06
CA ASN B 36 0.16 10.10 -9.37
C ASN B 36 -0.22 10.94 -8.13
N GLY B 37 0.04 10.44 -6.93
CA GLY B 37 -0.17 11.15 -5.65
C GLY B 37 -1.64 11.32 -5.30
N GLU B 38 -2.54 10.60 -5.98
CA GLU B 38 -3.99 10.83 -5.83
C GLU B 38 -4.43 10.47 -4.40
N MET B 39 -3.84 9.46 -3.77
CA MET B 39 -4.33 9.01 -2.47
C MET B 39 -3.94 10.05 -1.43
N ILE B 40 -2.70 10.52 -1.47
CA ILE B 40 -2.23 11.47 -0.43
C ILE B 40 -2.96 12.82 -0.66
N LYS B 41 -3.26 13.15 -1.90
CA LYS B 41 -4.09 14.32 -2.24
C LYS B 41 -5.50 14.18 -1.65
N LYS B 42 -6.14 13.02 -1.81
CA LYS B 42 -7.51 12.82 -1.25
C LYS B 42 -7.46 12.91 0.27
N ILE B 43 -6.48 12.32 0.92
CA ILE B 43 -6.40 12.36 2.40
C ILE B 43 -6.18 13.80 2.87
N GLN B 44 -5.30 14.54 2.20
CA GLN B 44 -5.01 15.96 2.54
C GLN B 44 -6.32 16.73 2.41
N ASN B 45 -6.99 16.58 1.27
CA ASN B 45 -8.24 17.29 0.90
C ASN B 45 -9.32 16.96 1.91
N ASP B 46 -9.52 15.69 2.25
CA ASP B 46 -10.58 15.28 3.21
C ASP B 46 -10.31 15.85 4.60
N ALA B 47 -9.10 15.65 5.13
CA ALA B 47 -8.77 16.04 6.53
C ALA B 47 -8.52 17.56 6.60
N GLY B 48 -8.17 18.17 5.49
CA GLY B 48 -7.83 19.59 5.39
C GLY B 48 -6.46 19.87 5.97
N VAL B 49 -5.43 19.10 5.57
CA VAL B 49 -4.04 19.18 6.13
C VAL B 49 -3.05 19.11 4.96
N ARG B 50 -1.81 19.47 5.22
CA ARG B 50 -0.68 19.21 4.31
C ARG B 50 0.07 17.98 4.84
N ILE B 51 0.41 17.05 3.95
CA ILE B 51 1.22 15.86 4.30
C ILE B 51 2.46 15.81 3.40
N GLN B 52 3.64 15.76 4.01
CA GLN B 52 4.94 15.58 3.35
C GLN B 52 5.71 14.49 4.08
N PHE B 53 6.34 13.62 3.34
CA PHE B 53 7.32 12.64 3.85
C PHE B 53 8.65 13.34 4.10
N LYS B 54 9.19 13.21 5.28
CA LYS B 54 10.52 13.77 5.47
C LYS B 54 11.52 12.81 4.82
N PRO B 55 12.64 13.34 4.33
CA PRO B 55 13.62 12.54 3.60
C PRO B 55 13.99 11.24 4.35
N ASP B 56 14.18 10.15 3.61
CA ASP B 56 14.48 8.82 4.19
C ASP B 56 15.95 8.75 4.60
N ASP B 57 16.26 8.53 5.86
CA ASP B 57 17.63 8.25 6.29
C ASP B 57 17.86 6.74 6.44
N GLY B 58 16.83 5.93 6.27
CA GLY B 58 16.96 4.47 6.18
C GLY B 58 17.29 3.84 7.51
N THR B 59 17.08 4.53 8.65
CA THR B 59 17.49 4.03 10.00
C THR B 59 16.43 3.13 10.64
N THR B 60 15.17 3.15 10.17
CA THR B 60 14.08 2.37 10.81
C THR B 60 13.23 1.69 9.74
N PRO B 61 12.33 0.78 10.14
CA PRO B 61 11.34 0.22 9.20
C PRO B 61 10.24 1.23 8.74
N GLU B 62 10.21 2.45 9.26
CA GLU B 62 9.15 3.43 8.93
C GLU B 62 9.72 4.61 8.15
N ARG B 63 8.88 5.23 7.32
CA ARG B 63 9.07 6.61 6.87
C ARG B 63 8.21 7.53 7.72
N ILE B 64 8.56 8.81 7.78
CA ILE B 64 7.80 9.79 8.62
C ILE B 64 7.01 10.72 7.71
N ALA B 65 5.70 10.67 7.85
CA ALA B 65 4.75 11.62 7.24
C ALA B 65 4.59 12.80 8.19
N GLN B 66 5.06 13.97 7.80
CA GLN B 66 4.81 15.22 8.52
C GLN B 66 3.43 15.78 8.11
N ILE B 67 2.51 15.86 9.07
CA ILE B 67 1.12 16.37 8.90
C ILE B 67 1.05 17.76 9.51
N THR B 68 0.75 18.75 8.69
CA THR B 68 0.63 20.16 9.10
C THR B 68 -0.85 20.55 9.19
N GLY B 69 -1.25 21.11 10.32
CA GLY B 69 -2.60 21.58 10.56
C GLY B 69 -2.89 21.60 12.04
N PRO B 70 -4.15 21.88 12.41
CA PRO B 70 -4.53 21.90 13.81
C PRO B 70 -4.68 20.47 14.33
N PRO B 71 -4.63 20.26 15.67
CA PRO B 71 -4.51 18.90 16.22
C PRO B 71 -5.62 17.95 15.75
N ASP B 72 -6.86 18.43 15.68
CA ASP B 72 -8.02 17.56 15.37
C ASP B 72 -7.90 17.09 13.92
N ARG B 73 -7.56 18.00 13.01
CA ARG B 73 -7.45 17.67 11.57
C ARG B 73 -6.29 16.68 11.38
N CYS B 74 -5.19 16.88 12.09
CA CYS B 74 -3.99 16.00 11.99
C CYS B 74 -4.35 14.58 12.45
N GLN B 75 -5.11 14.49 13.53
CA GLN B 75 -5.52 13.23 14.17
C GLN B 75 -6.47 12.50 13.21
N HIS B 76 -7.42 13.22 12.57
CA HIS B 76 -8.33 12.66 11.53
C HIS B 76 -7.49 12.09 10.36
N ALA B 77 -6.53 12.84 9.86
CA ALA B 77 -5.65 12.38 8.76
C ALA B 77 -4.93 11.10 9.20
N ALA B 78 -4.37 11.06 10.41
CA ALA B 78 -3.64 9.90 10.95
C ALA B 78 -4.57 8.70 11.00
N GLU B 79 -5.82 8.90 11.42
CA GLU B 79 -6.79 7.80 11.59
C GLU B 79 -7.19 7.24 10.23
N ILE B 80 -7.33 8.12 9.22
CA ILE B 80 -7.66 7.67 7.84
C ILE B 80 -6.47 6.88 7.30
N ILE B 81 -5.25 7.36 7.53
CA ILE B 81 -4.02 6.65 7.07
C ILE B 81 -3.93 5.30 7.76
N THR B 82 -4.19 5.23 9.07
CA THR B 82 -4.21 3.95 9.81
C THR B 82 -5.23 2.98 9.19
N ASP B 83 -6.41 3.47 8.85
CA ASP B 83 -7.48 2.61 8.28
C ASP B 83 -7.00 2.05 6.93
N LEU B 84 -6.42 2.90 6.10
CA LEU B 84 -5.84 2.50 4.80
C LEU B 84 -4.78 1.39 5.04
N LEU B 85 -3.83 1.62 5.96
CA LEU B 85 -2.76 0.64 6.24
C LEU B 85 -3.40 -0.68 6.70
N ARG B 86 -4.37 -0.63 7.59
CA ARG B 86 -4.93 -1.84 8.18
C ARG B 86 -5.69 -2.62 7.12
N SER B 87 -6.23 -1.95 6.09
CA SER B 87 -7.05 -2.60 5.05
C SER B 87 -6.20 -3.60 4.25
N VAL B 88 -4.87 -3.47 4.31
CA VAL B 88 -3.91 -4.42 3.63
C VAL B 88 -2.84 -4.91 4.63
N GLN B 89 -3.22 -5.00 5.93
CA GLN B 89 -2.41 -5.59 7.05
C GLN B 89 -1.03 -4.95 7.06
N ALA B 90 -0.95 -3.66 6.70
CA ALA B 90 0.28 -2.88 6.64
C ALA B 90 0.35 -1.88 7.81
N GLY B 91 -0.36 -2.18 8.92
CA GLY B 91 -0.31 -1.34 10.14
C GLY B 91 1.05 -1.43 10.79
N ASN B 92 1.43 -0.44 11.60
CA ASN B 92 2.67 -0.46 12.43
C ASN B 92 2.65 -1.66 13.38
C1 EDO C . -13.04 -17.71 -3.85
O1 EDO C . -12.51 -18.06 -2.56
C2 EDO C . -12.05 -17.80 -4.98
O2 EDO C . -11.81 -16.55 -5.66
C1 EDO D . 6.52 -20.94 2.64
O1 EDO D . 6.96 -21.54 3.84
C2 EDO D . 5.61 -19.76 2.89
O2 EDO D . 4.94 -19.33 1.73
ZN ZN E . -12.50 -10.84 -4.21
C1 EDO F . 2.29 -7.11 6.02
O1 EDO F . 2.45 -6.44 4.80
C2 EDO F . 0.96 -7.80 6.13
O2 EDO F . 1.06 -9.21 6.31
C1 EDO G . 13.88 6.15 8.25
O1 EDO G . 13.58 5.00 9.02
C2 EDO G . 13.15 7.39 8.67
O2 EDO G . 13.13 8.36 7.64
C1 EDO H . 6.73 1.50 -1.69
O1 EDO H . 6.33 1.80 -0.37
C2 EDO H . 6.80 0.01 -1.98
O2 EDO H . 6.16 -0.37 -3.20
C1 EDO I . -12.06 -1.41 11.51
O1 EDO I . -11.29 -2.45 12.15
C2 EDO I . -11.21 -0.57 10.61
O2 EDO I . -11.93 -0.02 9.50
C1 EDO J . 8.17 -1.36 8.07
O1 EDO J . 8.60 -1.64 6.77
C2 EDO J . 7.86 -2.52 8.89
O2 EDO J . 6.72 -2.30 9.71
C1 EDO K . -11.36 16.78 10.34
O1 EDO K . -10.13 17.03 9.69
C2 EDO K . -11.18 16.47 11.79
O2 EDO K . -11.47 17.56 12.61
ZN ZN L . -12.78 12.94 6.86
ZN ZN M . -12.29 4.02 9.31
#